data_9DSB
#
_entry.id   9DSB
#
_cell.length_a   90.296
_cell.length_b   90.296
_cell.length_c   34.775
_cell.angle_alpha   90.00
_cell.angle_beta   90.00
_cell.angle_gamma   120.00
#
_symmetry.space_group_name_H-M   'P 3'
#
loop_
_entity.id
_entity.type
_entity.pdbx_description
1 polymer 'Spermine/spermidine acetyltransferase'
2 non-polymer 'ACETATE ION'
3 non-polymer 'CHLORIDE ION'
4 non-polymer 'SODIUM ION'
5 non-polymer 'POTASSIUM ION'
6 water water
#
_entity_poly.entity_id   1
_entity_poly.type   'polypeptide(L)'
_entity_poly.pdbx_seq_one_letter_code
;SNAMEIHFEKVTSDNRKAVENLQVFAEQQAFIESMAENLKESDQFPEWESAGIYDGNQLIGYAMYGRWQDGRVWLDRFLI
DQRFQGQGYGKAACRLLMLKLIEKYQTNKLYLSVYDTNSSAIRLYQQLGFVFNGELDTNGERVMEWTHQNK
;
_entity_poly.pdbx_strand_id   A,B
#
loop_
_chem_comp.id
_chem_comp.type
_chem_comp.name
_chem_comp.formula
ACT non-polymer 'ACETATE ION' 'C2 H3 O2 -1'
CL non-polymer 'CHLORIDE ION' 'Cl -1'
K non-polymer 'POTASSIUM ION' 'K 1'
NA non-polymer 'SODIUM ION' 'Na 1'
#
# COMPACT_ATOMS: atom_id res chain seq x y z
N ALA A 3 -23.48 -4.12 -22.17
CA ALA A 3 -23.36 -4.06 -20.69
C ALA A 3 -21.93 -3.69 -20.31
N MET A 4 -21.31 -4.45 -19.40
CA MET A 4 -19.98 -4.14 -18.91
C MET A 4 -18.95 -4.36 -20.02
N GLU A 5 -17.88 -3.57 -19.96
CA GLU A 5 -16.78 -3.62 -20.91
C GLU A 5 -15.47 -3.63 -20.10
N ILE A 6 -15.24 -4.71 -19.37
CA ILE A 6 -14.15 -4.78 -18.41
C ILE A 6 -12.82 -5.02 -19.14
N HIS A 7 -11.87 -4.11 -18.91
CA HIS A 7 -10.53 -4.29 -19.42
C HIS A 7 -9.56 -3.63 -18.44
N PHE A 8 -8.27 -3.90 -18.63
CA PHE A 8 -7.22 -3.43 -17.74
C PHE A 8 -6.20 -2.64 -18.55
N GLU A 9 -5.64 -1.60 -17.92
CA GLU A 9 -4.63 -0.77 -18.56
C GLU A 9 -3.41 -0.68 -17.65
N LYS A 10 -2.22 -0.84 -18.24
CA LYS A 10 -0.97 -0.49 -17.59
C LYS A 10 -1.10 0.92 -17.03
N VAL A 11 -0.50 1.16 -15.86
CA VAL A 11 -0.51 2.48 -15.27
C VAL A 11 0.57 3.32 -15.95
N THR A 12 0.17 4.50 -16.45
CA THR A 12 1.06 5.43 -17.10
C THR A 12 0.77 6.83 -16.54
N SER A 13 1.47 7.84 -17.06
CA SER A 13 1.17 9.22 -16.74
C SER A 13 -0.27 9.58 -17.13
N ASP A 14 -0.85 8.84 -18.09
CA ASP A 14 -2.18 9.15 -18.59
C ASP A 14 -3.27 8.80 -17.57
N ASN A 15 -3.01 7.83 -16.67
CA ASN A 15 -4.03 7.38 -15.74
C ASN A 15 -3.55 7.25 -14.27
N ARG A 16 -2.26 7.48 -14.01
N ARG A 16 -2.27 7.51 -13.99
CA ARG A 16 -1.69 7.28 -12.68
CA ARG A 16 -1.72 7.24 -12.67
C ARG A 16 -2.42 8.09 -11.63
C ARG A 16 -2.44 8.09 -11.61
N LYS A 17 -2.75 9.34 -11.94
CA LYS A 17 -3.37 10.24 -10.97
C LYS A 17 -4.83 9.84 -10.74
N ALA A 18 -5.48 9.29 -11.77
CA ALA A 18 -6.83 8.77 -11.61
C ALA A 18 -6.82 7.56 -10.67
N VAL A 19 -5.81 6.70 -10.83
CA VAL A 19 -5.63 5.54 -9.99
C VAL A 19 -5.36 5.99 -8.55
N GLU A 20 -4.47 6.99 -8.39
CA GLU A 20 -4.14 7.49 -7.07
C GLU A 20 -5.37 8.06 -6.37
N ASN A 21 -6.35 8.56 -7.15
CA ASN A 21 -7.54 9.18 -6.60
C ASN A 21 -8.72 8.21 -6.59
N LEU A 22 -8.50 6.91 -6.78
CA LEU A 22 -9.55 5.93 -6.62
C LEU A 22 -10.17 6.10 -5.23
N GLN A 23 -11.51 6.18 -5.18
CA GLN A 23 -12.22 6.43 -3.94
C GLN A 23 -12.46 5.09 -3.23
N VAL A 24 -12.04 4.99 -1.96
CA VAL A 24 -12.09 3.75 -1.21
C VAL A 24 -12.27 4.02 0.29
N PHE A 25 -13.08 5.03 0.63
CA PHE A 25 -13.13 5.60 1.98
C PHE A 25 -14.21 4.96 2.84
N ALA A 26 -14.48 3.67 2.66
CA ALA A 26 -15.36 2.94 3.56
C ALA A 26 -14.94 1.47 3.64
N GLU A 27 -14.07 1.05 2.72
CA GLU A 27 -13.70 -0.34 2.57
C GLU A 27 -12.72 -0.69 3.69
N GLN A 28 -13.26 -0.89 4.89
CA GLN A 28 -12.46 -1.12 6.08
C GLN A 28 -11.69 -2.43 5.93
N GLN A 29 -12.38 -3.46 5.41
CA GLN A 29 -11.76 -4.76 5.16
C GLN A 29 -10.72 -4.65 4.07
N ALA A 30 -10.96 -3.78 3.07
CA ALA A 30 -10.04 -3.61 1.97
C ALA A 30 -8.72 -3.02 2.48
N PHE A 31 -8.80 -2.03 3.38
CA PHE A 31 -7.58 -1.37 3.83
C PHE A 31 -6.79 -2.29 4.75
N ILE A 32 -7.47 -3.23 5.41
CA ILE A 32 -6.79 -4.28 6.16
C ILE A 32 -5.90 -5.05 5.18
N GLU A 33 -6.45 -5.39 4.01
CA GLU A 33 -5.70 -6.13 3.00
C GLU A 33 -4.58 -5.24 2.45
N SER A 34 -4.85 -3.94 2.27
CA SER A 34 -3.84 -3.03 1.78
C SER A 34 -2.63 -3.01 2.72
N MET A 35 -2.91 -2.95 4.02
N MET A 35 -2.91 -2.93 4.02
CA MET A 35 -1.84 -2.86 5.01
CA MET A 35 -1.87 -2.86 5.03
C MET A 35 -1.08 -4.18 5.07
C MET A 35 -1.09 -4.18 5.06
N ALA A 36 -1.80 -5.30 5.01
CA ALA A 36 -1.16 -6.62 5.04
C ALA A 36 -0.18 -6.75 3.88
N GLU A 37 -0.56 -6.23 2.70
CA GLU A 37 0.32 -6.26 1.56
C GLU A 37 1.47 -5.27 1.77
N ASN A 38 1.16 -4.07 2.27
CA ASN A 38 2.19 -3.10 2.60
C ASN A 38 3.29 -3.77 3.44
N LEU A 39 2.86 -4.49 4.48
CA LEU A 39 3.79 -5.11 5.41
C LEU A 39 4.56 -6.22 4.70
N LYS A 40 3.85 -7.03 3.90
CA LYS A 40 4.49 -8.10 3.16
C LYS A 40 5.59 -7.55 2.25
N GLU A 41 5.31 -6.44 1.55
CA GLU A 41 6.23 -5.88 0.59
C GLU A 41 7.47 -5.34 1.30
N SER A 42 7.29 -4.74 2.49
CA SER A 42 8.41 -4.25 3.27
C SER A 42 9.27 -5.42 3.77
N ASP A 43 8.60 -6.48 4.23
CA ASP A 43 9.27 -7.68 4.73
C ASP A 43 10.07 -8.39 3.64
N GLN A 44 9.67 -8.19 2.37
N GLN A 44 9.70 -8.16 2.37
CA GLN A 44 10.30 -8.89 1.25
CA GLN A 44 10.28 -8.88 1.25
C GLN A 44 11.72 -8.38 1.01
C GLN A 44 11.69 -8.38 0.96
N PHE A 45 11.93 -7.06 1.11
CA PHE A 45 13.21 -6.46 0.76
C PHE A 45 13.85 -5.82 1.99
N PRO A 46 15.16 -6.04 2.23
CA PRO A 46 15.81 -5.52 3.42
C PRO A 46 16.07 -4.02 3.38
N GLU A 47 15.97 -3.43 2.19
CA GLU A 47 16.05 -1.99 2.00
C GLU A 47 14.92 -1.27 2.73
N TRP A 48 13.77 -1.96 2.84
CA TRP A 48 12.56 -1.40 3.42
C TRP A 48 12.37 -1.88 4.85
N GLU A 49 11.75 -1.03 5.67
CA GLU A 49 11.41 -1.40 7.03
C GLU A 49 10.10 -0.72 7.40
N SER A 50 9.20 -1.51 8.01
CA SER A 50 7.95 -1.00 8.55
C SER A 50 8.10 -0.85 10.07
N ALA A 51 7.34 0.10 10.64
CA ALA A 51 7.32 0.31 12.07
C ALA A 51 5.91 0.66 12.51
N GLY A 52 5.49 0.13 13.66
CA GLY A 52 4.32 0.66 14.36
C GLY A 52 4.70 1.88 15.19
N ILE A 53 3.83 2.89 15.18
CA ILE A 53 4.01 4.10 15.97
C ILE A 53 3.13 3.99 17.21
N TYR A 54 3.75 4.19 18.38
CA TYR A 54 3.07 4.01 19.66
C TYR A 54 3.10 5.29 20.48
N ASP A 55 2.00 5.51 21.23
CA ASP A 55 2.00 6.39 22.37
C ASP A 55 1.81 5.50 23.60
N GLY A 56 2.91 5.24 24.32
CA GLY A 56 2.92 4.23 25.36
C GLY A 56 2.60 2.85 24.79
N ASN A 57 1.51 2.24 25.25
CA ASN A 57 1.11 0.92 24.81
C ASN A 57 0.09 0.99 23.68
N GLN A 58 -0.34 2.20 23.31
CA GLN A 58 -1.37 2.38 22.30
C GLN A 58 -0.71 2.57 20.93
N LEU A 59 -1.01 1.67 20.00
CA LEU A 59 -0.61 1.86 18.61
C LEU A 59 -1.44 3.00 18.02
N ILE A 60 -0.76 4.06 17.56
CA ILE A 60 -1.43 5.24 17.03
C ILE A 60 -1.18 5.42 15.53
N GLY A 61 -0.28 4.64 14.95
CA GLY A 61 0.04 4.84 13.54
C GLY A 61 1.06 3.83 13.01
N TYR A 62 1.60 4.19 11.85
CA TYR A 62 2.44 3.30 11.05
C TYR A 62 3.35 4.15 10.16
N ALA A 63 4.53 3.62 9.89
CA ALA A 63 5.45 4.24 8.95
C ALA A 63 6.27 3.16 8.24
N MET A 64 6.58 3.42 6.97
N MET A 64 6.65 3.48 7.01
CA MET A 64 7.57 2.64 6.24
CA MET A 64 7.54 2.65 6.21
C MET A 64 8.62 3.60 5.72
C MET A 64 8.61 3.56 5.61
N TYR A 65 9.87 3.12 5.69
CA TYR A 65 11.00 3.93 5.26
C TYR A 65 12.13 3.00 4.81
N GLY A 66 13.23 3.60 4.36
CA GLY A 66 14.41 2.81 4.03
C GLY A 66 15.35 3.53 3.08
N ARG A 67 16.57 2.99 3.01
CA ARG A 67 17.60 3.45 2.10
C ARG A 67 17.38 2.82 0.73
N TRP A 68 17.06 3.67 -0.25
CA TRP A 68 16.92 3.22 -1.62
C TRP A 68 18.32 3.13 -2.26
N GLN A 69 18.41 2.40 -3.37
CA GLN A 69 19.67 2.00 -3.98
C GLN A 69 20.59 3.19 -4.26
N ASP A 70 20.01 4.36 -4.54
CA ASP A 70 20.80 5.56 -4.79
C ASP A 70 21.51 6.03 -3.52
N GLY A 71 21.15 5.46 -2.37
CA GLY A 71 21.74 5.83 -1.10
C GLY A 71 20.90 6.88 -0.37
N ARG A 72 19.85 7.37 -1.06
CA ARG A 72 18.92 8.31 -0.47
C ARG A 72 17.98 7.57 0.47
N VAL A 73 17.67 8.22 1.61
CA VAL A 73 16.79 7.65 2.61
C VAL A 73 15.42 8.32 2.47
N TRP A 74 14.39 7.47 2.34
CA TRP A 74 13.03 7.90 2.04
C TRP A 74 12.06 7.52 3.15
N LEU A 75 11.15 8.44 3.45
CA LEU A 75 9.93 8.13 4.18
C LEU A 75 8.86 7.73 3.16
N ASP A 76 8.54 6.44 3.12
CA ASP A 76 7.76 5.87 2.04
C ASP A 76 6.26 5.88 2.38
N ARG A 77 5.93 5.61 3.65
CA ARG A 77 4.57 5.66 4.14
C ARG A 77 4.57 6.22 5.54
N PHE A 78 3.50 6.96 5.90
CA PHE A 78 3.38 7.59 7.19
C PHE A 78 1.89 7.85 7.46
N LEU A 79 1.33 7.11 8.41
CA LEU A 79 -0.09 7.15 8.73
C LEU A 79 -0.28 7.31 10.23
N ILE A 80 -1.23 8.16 10.61
CA ILE A 80 -1.73 8.22 11.97
C ILE A 80 -3.19 7.77 11.97
N ASP A 81 -3.52 6.89 12.92
CA ASP A 81 -4.86 6.35 13.08
C ASP A 81 -5.85 7.50 13.32
N GLN A 82 -7.02 7.40 12.71
CA GLN A 82 -8.01 8.47 12.72
C GLN A 82 -8.44 8.82 14.15
N ARG A 83 -8.47 7.82 15.03
CA ARG A 83 -8.89 8.02 16.41
C ARG A 83 -7.94 8.95 17.16
N PHE A 84 -6.80 9.30 16.56
CA PHE A 84 -5.76 10.05 17.26
C PHE A 84 -5.29 11.28 16.49
N GLN A 85 -5.98 11.66 15.41
CA GLN A 85 -5.53 12.77 14.59
C GLN A 85 -5.97 14.09 15.20
N GLY A 86 -5.31 15.18 14.76
CA GLY A 86 -5.65 16.53 15.17
C GLY A 86 -5.12 16.86 16.58
N GLN A 87 -4.20 16.02 17.09
CA GLN A 87 -3.77 16.11 18.49
C GLN A 87 -2.25 16.01 18.60
N GLY A 88 -1.54 16.40 17.53
CA GLY A 88 -0.11 16.64 17.60
C GLY A 88 0.75 15.38 17.46
N TYR A 89 0.12 14.24 17.16
CA TYR A 89 0.85 12.97 17.09
C TYR A 89 1.70 12.92 15.82
N GLY A 90 1.09 13.23 14.67
CA GLY A 90 1.78 13.18 13.39
C GLY A 90 3.12 13.93 13.45
N LYS A 91 3.09 15.19 13.88
CA LYS A 91 4.27 16.03 13.89
C LYS A 91 5.29 15.48 14.88
N ALA A 92 4.82 15.09 16.07
CA ALA A 92 5.70 14.57 17.11
C ALA A 92 6.38 13.29 16.62
N ALA A 93 5.57 12.35 16.10
CA ALA A 93 6.08 11.10 15.56
C ALA A 93 6.97 11.32 14.35
N CYS A 94 6.60 12.24 13.44
CA CYS A 94 7.39 12.48 12.25
C CYS A 94 8.78 13.02 12.62
N ARG A 95 8.83 13.97 13.57
CA ARG A 95 10.10 14.55 13.98
C ARG A 95 11.01 13.45 14.52
N LEU A 96 10.48 12.63 15.42
CA LEU A 96 11.27 11.60 16.07
C LEU A 96 11.77 10.60 15.03
N LEU A 97 10.90 10.21 14.08
CA LEU A 97 11.31 9.30 13.02
C LEU A 97 12.47 9.89 12.22
N MET A 98 12.37 11.19 11.88
N MET A 98 12.38 11.19 11.90
CA MET A 98 13.40 11.87 11.12
CA MET A 98 13.41 11.86 11.11
C MET A 98 14.76 11.75 11.82
C MET A 98 14.76 11.75 11.82
N LEU A 99 14.78 12.00 13.13
CA LEU A 99 16.04 12.00 13.88
C LEU A 99 16.61 10.58 13.96
N LYS A 100 15.73 9.58 14.05
CA LYS A 100 16.15 8.20 14.12
C LYS A 100 16.82 7.78 12.81
N LEU A 101 16.26 8.26 11.69
CA LEU A 101 16.77 7.91 10.37
C LEU A 101 18.17 8.48 10.17
N ILE A 102 18.39 9.76 10.50
CA ILE A 102 19.69 10.38 10.26
C ILE A 102 20.73 9.87 11.27
N GLU A 103 20.27 9.23 12.35
CA GLU A 103 21.19 8.60 13.30
C GLU A 103 21.58 7.22 12.76
N LYS A 104 20.60 6.50 12.21
CA LYS A 104 20.82 5.16 11.68
C LYS A 104 21.79 5.23 10.49
N TYR A 105 21.49 6.10 9.53
CA TYR A 105 22.25 6.17 8.29
C TYR A 105 23.26 7.33 8.35
N GLN A 106 24.27 7.26 7.48
CA GLN A 106 25.32 8.27 7.41
C GLN A 106 24.74 9.64 7.08
N THR A 107 23.90 9.68 6.04
CA THR A 107 23.43 10.91 5.42
C THR A 107 22.75 11.82 6.45
N ASN A 108 22.64 13.11 6.08
CA ASN A 108 21.89 14.10 6.85
C ASN A 108 20.73 14.64 6.02
N LYS A 109 20.33 13.90 4.99
CA LYS A 109 19.21 14.29 4.13
C LYS A 109 18.16 13.18 4.13
N LEU A 110 16.89 13.58 4.23
CA LEU A 110 15.75 12.69 4.08
C LEU A 110 14.88 13.14 2.92
N TYR A 111 14.16 12.17 2.33
CA TYR A 111 13.36 12.41 1.13
C TYR A 111 11.96 11.85 1.32
N LEU A 112 10.99 12.55 0.75
CA LEU A 112 9.63 12.06 0.61
C LEU A 112 9.02 12.70 -0.65
N SER A 113 7.90 12.17 -1.11
CA SER A 113 7.17 12.81 -2.20
C SER A 113 5.68 12.86 -1.85
N VAL A 114 5.03 13.94 -2.33
CA VAL A 114 3.65 14.23 -1.93
C VAL A 114 2.83 14.52 -3.19
N TYR A 115 1.51 14.34 -3.05
CA TYR A 115 0.56 14.69 -4.11
C TYR A 115 0.32 16.19 -4.05
N ASP A 116 0.04 16.80 -5.20
CA ASP A 116 0.04 18.25 -5.33
C ASP A 116 -1.19 18.89 -4.67
N THR A 117 -2.00 18.10 -3.95
CA THR A 117 -3.19 18.63 -3.29
C THR A 117 -3.27 18.23 -1.81
N ASN A 118 -2.28 17.49 -1.30
CA ASN A 118 -2.31 17.03 0.09
C ASN A 118 -1.77 18.14 1.00
N SER A 119 -2.59 19.18 1.21
CA SER A 119 -2.16 20.37 1.93
C SER A 119 -1.95 20.08 3.42
N SER A 120 -2.76 19.16 3.97
CA SER A 120 -2.66 18.78 5.37
C SER A 120 -1.28 18.20 5.68
N ALA A 121 -0.73 17.44 4.73
CA ALA A 121 0.55 16.77 4.88
C ALA A 121 1.70 17.72 4.56
N ILE A 122 1.57 18.49 3.47
CA ILE A 122 2.62 19.39 3.03
C ILE A 122 2.96 20.35 4.17
N ARG A 123 1.93 20.90 4.82
CA ARG A 123 2.11 21.88 5.88
C ARG A 123 2.90 21.25 7.03
N LEU A 124 2.59 19.99 7.36
CA LEU A 124 3.25 19.27 8.44
C LEU A 124 4.74 19.14 8.13
N TYR A 125 5.05 18.69 6.91
CA TYR A 125 6.43 18.45 6.49
C TYR A 125 7.18 19.77 6.37
N GLN A 126 6.48 20.83 5.92
CA GLN A 126 7.08 22.15 5.80
C GLN A 126 7.48 22.68 7.18
N GLN A 127 6.60 22.50 8.18
CA GLN A 127 6.89 22.94 9.54
C GLN A 127 8.09 22.18 10.12
N LEU A 128 8.35 20.98 9.60
CA LEU A 128 9.42 20.12 10.09
C LEU A 128 10.70 20.29 9.27
N GLY A 129 10.68 21.20 8.27
CA GLY A 129 11.90 21.60 7.58
C GLY A 129 12.02 21.02 6.17
N PHE A 130 11.05 20.19 5.76
CA PHE A 130 11.05 19.67 4.39
C PHE A 130 10.73 20.79 3.41
N VAL A 131 11.48 20.85 2.31
CA VAL A 131 11.27 21.84 1.25
C VAL A 131 11.18 21.11 -0.09
N PHE A 132 10.38 21.66 -1.01
CA PHE A 132 10.34 21.17 -2.38
C PHE A 132 11.71 21.42 -3.03
N ASN A 133 12.25 20.40 -3.68
CA ASN A 133 13.60 20.45 -4.21
C ASN A 133 13.61 20.46 -5.75
N GLY A 134 12.42 20.56 -6.36
CA GLY A 134 12.31 20.70 -7.81
C GLY A 134 12.42 19.37 -8.56
N GLU A 135 12.40 18.25 -7.82
CA GLU A 135 12.42 16.93 -8.42
C GLU A 135 11.01 16.34 -8.46
N LEU A 136 10.82 15.40 -9.40
CA LEU A 136 9.61 14.60 -9.48
C LEU A 136 9.95 13.14 -9.24
N ASP A 137 9.12 12.46 -8.46
CA ASP A 137 9.28 11.05 -8.18
C ASP A 137 8.78 10.25 -9.39
N THR A 138 9.01 8.94 -9.38
CA THR A 138 8.65 8.06 -10.49
C THR A 138 7.14 7.95 -10.63
N ASN A 139 6.40 8.25 -9.55
CA ASN A 139 4.95 8.24 -9.57
C ASN A 139 4.40 9.64 -9.86
N GLY A 140 5.27 10.54 -10.34
CA GLY A 140 4.86 11.87 -10.73
C GLY A 140 4.67 12.82 -9.56
N GLU A 141 4.93 12.37 -8.33
CA GLU A 141 4.75 13.21 -7.15
C GLU A 141 5.94 14.15 -7.02
N ARG A 142 5.69 15.30 -6.39
CA ARG A 142 6.70 16.30 -6.14
C ARG A 142 7.53 15.86 -4.93
N VAL A 143 8.86 15.91 -5.08
CA VAL A 143 9.78 15.46 -4.05
C VAL A 143 10.02 16.61 -3.08
N MET A 144 10.14 16.25 -1.79
CA MET A 144 10.58 17.17 -0.76
C MET A 144 11.82 16.60 -0.08
N GLU A 145 12.64 17.50 0.47
CA GLU A 145 13.94 17.13 1.00
C GLU A 145 14.19 17.90 2.30
N TRP A 146 14.53 17.16 3.36
CA TRP A 146 14.95 17.75 4.62
C TRP A 146 16.47 17.69 4.70
N THR A 147 17.08 18.85 4.96
CA THR A 147 18.52 18.94 5.16
C THR A 147 18.76 19.40 6.59
N HIS A 148 19.79 18.83 7.21
CA HIS A 148 20.00 18.96 8.64
C HIS A 148 20.94 20.13 8.95
N GLN A 149 22.17 20.06 8.42
CA GLN A 149 23.24 20.98 8.78
C GLN A 149 23.70 20.69 10.21
N ALA B 3 0.54 12.61 29.48
CA ALA B 3 1.94 12.42 29.02
C ALA B 3 1.94 11.85 27.61
N MET B 4 2.86 12.34 26.77
CA MET B 4 3.05 11.82 25.42
C MET B 4 4.35 11.01 25.41
N GLU B 5 4.25 9.74 24.99
CA GLU B 5 5.36 8.80 25.05
C GLU B 5 5.50 8.09 23.71
N ILE B 6 6.04 8.80 22.71
CA ILE B 6 6.10 8.30 21.34
C ILE B 6 7.32 7.38 21.20
N HIS B 7 7.10 6.20 20.62
CA HIS B 7 8.19 5.29 20.29
C HIS B 7 7.79 4.42 19.10
N PHE B 8 8.77 3.72 18.54
CA PHE B 8 8.61 2.95 17.32
C PHE B 8 8.99 1.50 17.59
N GLU B 9 8.15 0.58 17.10
CA GLU B 9 8.42 -0.85 17.22
C GLU B 9 8.43 -1.47 15.83
N LYS B 10 9.40 -2.37 15.61
CA LYS B 10 9.41 -3.25 14.46
C LYS B 10 8.10 -4.02 14.42
N VAL B 11 7.63 -4.33 13.20
CA VAL B 11 6.40 -5.08 13.02
C VAL B 11 6.73 -6.57 13.03
N THR B 12 6.21 -7.27 14.04
CA THR B 12 6.36 -8.71 14.19
C THR B 12 4.97 -9.31 14.38
N SER B 13 4.90 -10.62 14.64
CA SER B 13 3.61 -11.27 14.83
C SER B 13 2.90 -10.71 16.07
N ASP B 14 3.66 -10.12 17.00
CA ASP B 14 3.10 -9.58 18.22
C ASP B 14 2.14 -8.42 17.92
N ASN B 15 2.46 -7.61 16.90
CA ASN B 15 1.66 -6.40 16.65
C ASN B 15 1.21 -6.24 15.20
N ARG B 16 1.54 -7.20 14.33
N ARG B 16 1.51 -7.20 14.32
CA ARG B 16 1.27 -7.04 12.91
CA ARG B 16 1.28 -7.01 12.90
C ARG B 16 -0.22 -6.82 12.67
C ARG B 16 -0.22 -6.86 12.63
N LYS B 17 -1.07 -7.63 13.32
CA LYS B 17 -2.50 -7.55 13.09
C LYS B 17 -3.07 -6.26 13.68
N ALA B 18 -2.43 -5.71 14.71
CA ALA B 18 -2.79 -4.40 15.23
C ALA B 18 -2.54 -3.33 14.17
N VAL B 19 -1.37 -3.38 13.53
CA VAL B 19 -1.01 -2.45 12.47
C VAL B 19 -1.95 -2.65 11.27
N GLU B 20 -2.27 -3.90 10.92
CA GLU B 20 -3.13 -4.16 9.79
C GLU B 20 -4.53 -3.58 10.01
N ASN B 21 -4.91 -3.37 11.29
CA ASN B 21 -6.25 -2.90 11.64
C ASN B 21 -6.25 -1.41 11.97
N LEU B 22 -5.15 -0.69 11.72
CA LEU B 22 -5.12 0.75 11.94
C LEU B 22 -6.35 1.38 11.28
N GLN B 23 -7.01 2.28 12.03
CA GLN B 23 -8.25 2.89 11.57
C GLN B 23 -7.89 4.11 10.73
N VAL B 24 -7.59 3.84 9.45
CA VAL B 24 -7.18 4.86 8.50
C VAL B 24 -8.05 4.77 7.25
N PHE B 25 -9.27 4.21 7.42
CA PHE B 25 -10.15 3.88 6.31
C PHE B 25 -11.04 5.07 5.93
N ALA B 26 -10.96 6.16 6.71
CA ALA B 26 -11.79 7.33 6.46
C ALA B 26 -10.96 8.54 6.05
N GLU B 27 -9.66 8.32 5.78
CA GLU B 27 -8.73 9.40 5.49
C GLU B 27 -8.47 9.46 3.98
N GLN B 28 -9.11 10.42 3.29
CA GLN B 28 -9.10 10.49 1.84
C GLN B 28 -7.70 10.80 1.31
N GLN B 29 -7.07 11.86 1.83
CA GLN B 29 -5.78 12.30 1.31
C GLN B 29 -4.71 11.25 1.62
N ALA B 30 -4.82 10.59 2.78
CA ALA B 30 -3.88 9.54 3.16
C ALA B 30 -3.91 8.41 2.14
N PHE B 31 -5.10 8.10 1.59
CA PHE B 31 -5.24 7.04 0.60
C PHE B 31 -4.49 7.38 -0.69
N ILE B 32 -4.57 8.66 -1.12
CA ILE B 32 -3.89 9.10 -2.32
C ILE B 32 -2.40 8.78 -2.19
N GLU B 33 -1.81 9.15 -1.04
CA GLU B 33 -0.40 8.88 -0.80
C GLU B 33 -0.14 7.38 -0.74
N SER B 34 -1.03 6.63 -0.09
N SER B 34 -1.06 6.62 -0.14
CA SER B 34 -0.87 5.19 0.00
CA SER B 34 -0.94 5.17 -0.07
C SER B 34 -0.83 4.58 -1.40
C SER B 34 -0.89 4.58 -1.48
N MET B 35 -1.78 4.99 -2.26
N MET B 35 -1.84 5.01 -2.32
CA MET B 35 -1.86 4.47 -3.61
CA MET B 35 -1.92 4.50 -3.68
C MET B 35 -0.66 4.91 -4.43
C MET B 35 -0.70 4.93 -4.48
N ALA B 36 -0.23 6.17 -4.28
CA ALA B 36 0.93 6.67 -5.00
C ALA B 36 2.17 5.83 -4.66
N GLU B 37 2.29 5.45 -3.38
CA GLU B 37 3.41 4.65 -2.92
C GLU B 37 3.28 3.22 -3.47
N ASN B 38 2.04 2.72 -3.59
CA ASN B 38 1.82 1.41 -4.20
C ASN B 38 2.38 1.39 -5.62
N LEU B 39 2.08 2.45 -6.37
CA LEU B 39 2.50 2.56 -7.76
C LEU B 39 4.01 2.71 -7.86
N LYS B 40 4.61 3.44 -6.93
CA LYS B 40 6.05 3.62 -6.92
C LYS B 40 6.75 2.27 -6.74
N GLU B 41 6.29 1.51 -5.75
CA GLU B 41 6.90 0.23 -5.39
C GLU B 41 6.68 -0.77 -6.52
N SER B 42 5.48 -0.77 -7.10
CA SER B 42 5.16 -1.65 -8.21
C SER B 42 6.07 -1.37 -9.40
N ASP B 43 6.24 -0.07 -9.73
CA ASP B 43 7.01 0.34 -10.89
C ASP B 43 8.49 0.05 -10.69
N GLN B 44 8.91 -0.08 -9.43
CA GLN B 44 10.31 -0.29 -9.11
C GLN B 44 10.75 -1.71 -9.48
N PHE B 45 9.93 -2.71 -9.13
CA PHE B 45 10.32 -4.10 -9.32
C PHE B 45 9.62 -4.70 -10.53
N PRO B 46 10.35 -5.36 -11.45
CA PRO B 46 9.76 -5.93 -12.65
C PRO B 46 8.85 -7.13 -12.42
N GLU B 47 9.02 -7.82 -11.27
CA GLU B 47 8.14 -8.91 -10.89
C GLU B 47 6.70 -8.41 -10.87
N TRP B 48 6.51 -7.21 -10.32
CA TRP B 48 5.20 -6.66 -10.00
C TRP B 48 4.67 -5.84 -11.17
N GLU B 49 3.35 -5.86 -11.36
CA GLU B 49 2.70 -5.00 -12.32
C GLU B 49 1.43 -4.42 -11.69
N SER B 50 1.20 -3.13 -11.95
CA SER B 50 -0.03 -2.44 -11.56
C SER B 50 -0.88 -2.19 -12.80
N ALA B 51 -2.20 -2.29 -12.65
CA ALA B 51 -3.13 -1.98 -13.72
C ALA B 51 -4.35 -1.26 -13.15
N GLY B 52 -4.89 -0.31 -13.92
CA GLY B 52 -6.22 0.20 -13.68
C GLY B 52 -7.27 -0.76 -14.25
N ILE B 53 -8.37 -0.93 -13.52
CA ILE B 53 -9.51 -1.71 -13.96
C ILE B 53 -10.56 -0.74 -14.51
N TYR B 54 -11.01 -1.00 -15.74
CA TYR B 54 -11.93 -0.14 -16.45
C TYR B 54 -13.22 -0.87 -16.79
N ASP B 55 -14.32 -0.12 -16.81
CA ASP B 55 -15.54 -0.50 -17.52
C ASP B 55 -15.70 0.51 -18.64
N GLY B 56 -15.29 0.12 -19.85
CA GLY B 56 -15.19 1.04 -20.96
C GLY B 56 -14.16 2.12 -20.64
N ASN B 57 -14.62 3.38 -20.59
CA ASN B 57 -13.75 4.51 -20.38
C ASN B 57 -13.70 4.92 -18.91
N GLN B 58 -14.43 4.20 -18.04
CA GLN B 58 -14.51 4.55 -16.64
C GLN B 58 -13.53 3.69 -15.82
N LEU B 59 -12.59 4.36 -15.15
CA LEU B 59 -11.74 3.68 -14.18
C LEU B 59 -12.61 3.27 -13.00
N ILE B 60 -12.62 1.96 -12.68
CA ILE B 60 -13.46 1.44 -11.61
C ILE B 60 -12.65 0.77 -10.50
N GLY B 61 -11.34 0.53 -10.71
CA GLY B 61 -10.58 -0.19 -9.71
C GLY B 61 -9.10 -0.32 -10.08
N TYR B 62 -8.38 -1.07 -9.24
CA TYR B 62 -6.95 -1.20 -9.32
C TYR B 62 -6.54 -2.62 -8.97
N ALA B 63 -5.55 -3.13 -9.70
CA ALA B 63 -4.96 -4.42 -9.38
C ALA B 63 -3.45 -4.32 -9.38
N MET B 64 -2.82 -5.18 -8.57
N MET B 64 -2.82 -5.19 -8.57
CA MET B 64 -1.39 -5.39 -8.58
CA MET B 64 -1.38 -5.38 -8.57
C MET B 64 -1.13 -6.89 -8.46
C MET B 64 -1.11 -6.88 -8.44
N TYR B 65 -0.22 -7.39 -9.29
CA TYR B 65 0.03 -8.83 -9.39
C TYR B 65 1.49 -9.05 -9.78
N GLY B 66 2.00 -10.25 -9.51
CA GLY B 66 3.40 -10.51 -9.77
C GLY B 66 3.77 -11.98 -9.59
N ARG B 67 4.73 -12.42 -10.40
CA ARG B 67 5.36 -13.72 -10.26
C ARG B 67 6.74 -13.49 -9.66
N TRP B 68 6.91 -13.88 -8.39
CA TRP B 68 8.12 -13.57 -7.65
C TRP B 68 9.17 -14.64 -7.92
N GLN B 69 10.34 -14.49 -7.30
CA GLN B 69 11.49 -15.35 -7.57
C GLN B 69 11.14 -16.80 -7.22
N ASP B 70 10.18 -17.00 -6.31
CA ASP B 70 9.80 -18.32 -5.85
C ASP B 70 9.17 -19.10 -7.00
N GLY B 71 8.45 -18.41 -7.89
CA GLY B 71 7.86 -19.04 -9.08
C GLY B 71 6.34 -18.98 -9.10
N ARG B 72 5.74 -18.55 -7.97
CA ARG B 72 4.29 -18.47 -7.85
C ARG B 72 3.80 -17.11 -8.32
N VAL B 73 2.60 -17.12 -8.93
CA VAL B 73 1.96 -15.91 -9.44
C VAL B 73 0.90 -15.48 -8.42
N TRP B 74 1.04 -14.25 -7.93
CA TRP B 74 0.21 -13.72 -6.87
C TRP B 74 -0.72 -12.61 -7.38
N LEU B 75 -1.91 -12.56 -6.79
CA LEU B 75 -2.77 -11.39 -6.81
C LEU B 75 -2.51 -10.60 -5.54
N ASP B 76 -1.82 -9.46 -5.66
CA ASP B 76 -1.22 -8.75 -4.53
C ASP B 76 -2.15 -7.68 -3.97
N ARG B 77 -2.83 -6.97 -4.86
CA ARG B 77 -3.72 -5.89 -4.48
C ARG B 77 -4.91 -5.90 -5.44
N PHE B 78 -6.11 -5.67 -4.90
CA PHE B 78 -7.33 -5.67 -5.70
C PHE B 78 -8.36 -4.81 -5.01
N LEU B 79 -8.77 -3.73 -5.68
CA LEU B 79 -9.66 -2.73 -5.12
C LEU B 79 -10.69 -2.33 -6.18
N ILE B 80 -11.94 -2.20 -5.74
CA ILE B 80 -13.00 -1.62 -6.55
C ILE B 80 -13.41 -0.31 -5.89
N ASP B 81 -13.44 0.75 -6.70
CA ASP B 81 -13.89 2.07 -6.25
C ASP B 81 -15.24 1.94 -5.57
N GLN B 82 -15.38 2.60 -4.42
N GLN B 82 -15.36 2.62 -4.41
CA GLN B 82 -16.57 2.48 -3.57
CA GLN B 82 -16.54 2.58 -3.56
C GLN B 82 -17.82 3.00 -4.29
C GLN B 82 -17.80 2.96 -4.32
N ARG B 83 -17.65 3.82 -5.34
CA ARG B 83 -18.79 4.28 -6.12
C ARG B 83 -19.45 3.14 -6.89
N PHE B 84 -18.66 2.13 -7.31
CA PHE B 84 -19.15 1.09 -8.19
C PHE B 84 -19.17 -0.26 -7.48
N GLN B 85 -19.31 -0.26 -6.14
CA GLN B 85 -19.38 -1.50 -5.39
C GLN B 85 -20.80 -2.04 -5.40
N GLY B 86 -20.90 -3.37 -5.30
CA GLY B 86 -22.18 -4.06 -5.21
C GLY B 86 -22.91 -4.14 -6.54
N GLN B 87 -22.14 -4.17 -7.65
CA GLN B 87 -22.71 -4.19 -8.99
C GLN B 87 -22.09 -5.31 -9.83
N GLY B 88 -21.33 -6.21 -9.20
CA GLY B 88 -20.81 -7.40 -9.86
C GLY B 88 -19.45 -7.17 -10.52
N TYR B 89 -18.85 -5.99 -10.31
CA TYR B 89 -17.57 -5.66 -10.94
C TYR B 89 -16.43 -6.43 -10.31
N GLY B 90 -16.56 -6.74 -9.00
CA GLY B 90 -15.57 -7.53 -8.30
C GLY B 90 -15.35 -8.88 -8.96
N LYS B 91 -16.43 -9.66 -9.10
CA LYS B 91 -16.36 -11.00 -9.66
C LYS B 91 -15.87 -10.94 -11.11
N ALA B 92 -16.49 -10.10 -11.93
CA ALA B 92 -16.21 -10.11 -13.35
C ALA B 92 -14.77 -9.71 -13.63
N ALA B 93 -14.30 -8.64 -12.96
CA ALA B 93 -12.95 -8.14 -13.16
C ALA B 93 -11.92 -9.13 -12.62
N CYS B 94 -12.16 -9.71 -11.45
CA CYS B 94 -11.23 -10.66 -10.87
C CYS B 94 -11.12 -11.90 -11.76
N ARG B 95 -12.26 -12.42 -12.24
CA ARG B 95 -12.28 -13.58 -13.11
C ARG B 95 -11.46 -13.28 -14.37
N LEU B 96 -11.71 -12.12 -14.99
CA LEU B 96 -10.99 -11.76 -16.20
C LEU B 96 -9.50 -11.63 -15.89
N LEU B 97 -9.16 -11.07 -14.72
CA LEU B 97 -7.76 -10.89 -14.35
C LEU B 97 -7.07 -12.25 -14.17
N MET B 98 -7.79 -13.21 -13.57
N MET B 98 -7.79 -13.21 -13.58
CA MET B 98 -7.26 -14.55 -13.37
CA MET B 98 -7.26 -14.54 -13.38
C MET B 98 -6.89 -15.16 -14.73
C MET B 98 -6.88 -15.16 -14.73
N LEU B 99 -7.78 -15.03 -15.72
CA LEU B 99 -7.56 -15.60 -17.03
C LEU B 99 -6.36 -14.94 -17.72
N LYS B 100 -6.20 -13.62 -17.51
CA LYS B 100 -5.05 -12.91 -18.07
C LYS B 100 -3.74 -13.49 -17.56
N LEU B 101 -3.67 -13.78 -16.26
CA LEU B 101 -2.40 -14.12 -15.62
C LEU B 101 -1.97 -15.54 -16.00
N ILE B 102 -2.91 -16.49 -16.09
CA ILE B 102 -2.54 -17.86 -16.43
C ILE B 102 -2.16 -17.94 -17.91
N GLU B 103 -2.53 -16.93 -18.70
CA GLU B 103 -2.07 -16.81 -20.07
C GLU B 103 -0.69 -16.17 -20.11
N LYS B 104 -0.52 -15.07 -19.35
CA LYS B 104 0.73 -14.31 -19.34
C LYS B 104 1.88 -15.16 -18.84
N TYR B 105 1.60 -16.05 -17.87
CA TYR B 105 2.61 -16.92 -17.29
C TYR B 105 2.34 -18.37 -17.69
N GLN B 106 3.32 -19.24 -17.40
CA GLN B 106 3.24 -20.64 -17.78
C GLN B 106 2.34 -21.43 -16.82
N THR B 107 2.12 -20.88 -15.62
CA THR B 107 1.48 -21.60 -14.53
C THR B 107 0.01 -21.82 -14.83
N ASN B 108 -0.58 -22.80 -14.13
CA ASN B 108 -2.03 -22.97 -14.06
C ASN B 108 -2.53 -22.71 -12.64
N LYS B 109 -1.69 -22.08 -11.81
CA LYS B 109 -2.05 -21.79 -10.43
C LYS B 109 -1.92 -20.30 -10.16
N LEU B 110 -2.81 -19.77 -9.32
CA LEU B 110 -2.72 -18.41 -8.81
C LEU B 110 -2.91 -18.42 -7.30
N TYR B 111 -2.22 -17.49 -6.63
CA TYR B 111 -2.21 -17.39 -5.18
C TYR B 111 -2.65 -16.00 -4.74
N LEU B 112 -3.30 -15.95 -3.58
CA LEU B 112 -3.52 -14.73 -2.83
C LEU B 112 -3.56 -15.08 -1.35
N SER B 113 -3.56 -14.07 -0.48
CA SER B 113 -3.76 -14.30 0.94
C SER B 113 -4.78 -13.30 1.47
N VAL B 114 -5.53 -13.72 2.50
CA VAL B 114 -6.65 -12.95 3.00
C VAL B 114 -6.61 -12.93 4.53
N TYR B 115 -7.13 -11.84 5.09
CA TYR B 115 -7.36 -11.71 6.52
C TYR B 115 -8.61 -12.52 6.87
N ASP B 116 -8.60 -13.11 8.07
CA ASP B 116 -9.60 -14.10 8.44
C ASP B 116 -11.00 -13.49 8.49
N THR B 117 -11.11 -12.29 9.07
CA THR B 117 -12.40 -11.64 9.26
C THR B 117 -12.93 -11.07 7.95
N ASN B 118 -12.16 -11.19 6.86
CA ASN B 118 -12.59 -10.73 5.54
C ASN B 118 -13.54 -11.77 4.95
N SER B 119 -14.84 -11.58 5.20
CA SER B 119 -15.86 -12.56 4.83
C SER B 119 -16.23 -12.43 3.35
N SER B 120 -16.36 -11.20 2.86
CA SER B 120 -16.72 -10.94 1.48
C SER B 120 -15.64 -11.48 0.55
N ALA B 121 -14.36 -11.28 0.93
CA ALA B 121 -13.24 -11.65 0.09
C ALA B 121 -13.12 -13.17 -0.02
N ILE B 122 -13.20 -13.86 1.12
CA ILE B 122 -13.11 -15.31 1.14
C ILE B 122 -14.24 -15.89 0.29
N ARG B 123 -15.46 -15.38 0.48
CA ARG B 123 -16.61 -15.78 -0.32
C ARG B 123 -16.31 -15.55 -1.81
N LEU B 124 -15.98 -14.30 -2.16
CA LEU B 124 -15.77 -13.91 -3.54
C LEU B 124 -14.73 -14.82 -4.19
N TYR B 125 -13.59 -15.00 -3.51
CA TYR B 125 -12.49 -15.77 -4.08
C TYR B 125 -12.88 -17.24 -4.19
N GLN B 126 -13.58 -17.76 -3.18
CA GLN B 126 -14.06 -19.13 -3.21
C GLN B 126 -15.02 -19.34 -4.38
N GLN B 127 -15.91 -18.36 -4.61
CA GLN B 127 -16.90 -18.44 -5.69
C GLN B 127 -16.20 -18.52 -7.05
N LEU B 128 -15.00 -17.94 -7.15
CA LEU B 128 -14.23 -17.92 -8.38
C LEU B 128 -13.33 -19.14 -8.51
N GLY B 129 -13.14 -19.89 -7.40
CA GLY B 129 -12.44 -21.16 -7.46
C GLY B 129 -11.24 -21.24 -6.53
N PHE B 130 -10.94 -20.16 -5.79
CA PHE B 130 -9.83 -20.20 -4.84
C PHE B 130 -10.19 -21.09 -3.66
N VAL B 131 -9.19 -21.77 -3.08
CA VAL B 131 -9.36 -22.57 -1.88
C VAL B 131 -8.18 -22.33 -0.94
N PHE B 132 -8.46 -22.32 0.37
CA PHE B 132 -7.39 -22.30 1.37
C PHE B 132 -6.52 -23.53 1.17
N ASN B 133 -5.20 -23.31 1.08
CA ASN B 133 -4.26 -24.39 0.81
C ASN B 133 -3.47 -24.77 2.07
N GLY B 134 -3.83 -24.20 3.23
CA GLY B 134 -3.23 -24.56 4.51
C GLY B 134 -1.91 -23.85 4.77
N GLU B 135 -1.53 -22.93 3.87
CA GLU B 135 -0.29 -22.17 4.03
C GLU B 135 -0.58 -20.84 4.72
N LEU B 136 0.46 -20.29 5.37
CA LEU B 136 0.44 -18.93 5.89
C LEU B 136 1.40 -18.09 5.05
N ASP B 137 1.00 -16.85 4.78
CA ASP B 137 1.84 -15.89 4.09
C ASP B 137 2.83 -15.30 5.10
N THR B 138 3.69 -14.38 4.65
CA THR B 138 4.75 -13.84 5.49
C THR B 138 4.15 -12.84 6.49
N ASN B 139 2.91 -12.41 6.24
CA ASN B 139 2.22 -11.43 7.07
C ASN B 139 1.21 -12.10 7.98
N GLY B 140 1.19 -13.44 8.00
CA GLY B 140 0.28 -14.20 8.85
C GLY B 140 -1.09 -14.43 8.23
N GLU B 141 -1.30 -13.97 6.97
CA GLU B 141 -2.56 -14.19 6.30
C GLU B 141 -2.61 -15.62 5.75
N ARG B 142 -3.83 -16.17 5.69
CA ARG B 142 -4.06 -17.51 5.16
C ARG B 142 -4.05 -17.45 3.63
N VAL B 143 -3.28 -18.35 3.03
CA VAL B 143 -3.11 -18.38 1.59
C VAL B 143 -4.29 -19.14 0.99
N MET B 144 -4.84 -18.58 -0.09
CA MET B 144 -5.79 -19.27 -0.95
C MET B 144 -5.14 -19.50 -2.31
N GLU B 145 -5.57 -20.57 -2.99
CA GLU B 145 -4.96 -21.00 -4.23
C GLU B 145 -6.06 -21.39 -5.23
N TRP B 146 -5.87 -20.98 -6.48
CA TRP B 146 -6.73 -21.42 -7.57
C TRP B 146 -5.89 -22.25 -8.54
N THR B 147 -6.24 -23.53 -8.67
CA THR B 147 -5.61 -24.41 -9.64
C THR B 147 -6.54 -24.55 -10.83
N HIS B 148 -6.07 -24.12 -12.01
N HIS B 148 -6.06 -24.13 -12.01
CA HIS B 148 -6.83 -24.26 -13.24
CA HIS B 148 -6.81 -24.25 -13.24
C HIS B 148 -6.76 -25.71 -13.72
C HIS B 148 -6.62 -25.67 -13.80
C ACT C . 10.53 3.01 -2.94
O ACT C . 11.66 3.33 -2.47
OXT ACT C . 9.45 3.34 -2.40
CH3 ACT C . 10.46 2.22 -4.26
CL CL D . 10.08 23.24 -7.06
CL CL E . -7.67 -6.35 -20.82
CL CL F . 8.33 24.20 0.54
CL CL G . -2.43 16.88 14.79
NA NA H . 5.45 9.80 -2.03
K K I . -4.22 -2.26 -1.89
CL CL J . -17.49 -5.22 -6.11
CL CL K . 11.53 4.69 19.62
CL CL L . 7.48 -12.18 13.51
CL CL M . -5.82 -4.79 -1.91
CL CL N . -8.43 13.70 3.70
CL CL O . -11.46 -23.26 0.73
CL CL P . -8.48 7.06 -16.41
NA NA Q . 6.95 -3.48 -12.02
NA NA R . -2.90 -10.81 1.24
#